data_7SUJ
#
_entry.id   7SUJ
#
_cell.length_a   44.991
_cell.length_b   66.002
_cell.length_c   109.812
_cell.angle_alpha   90.000
_cell.angle_beta   101.360
_cell.angle_gamma   90.000
#
_symmetry.space_group_name_H-M   'P 1 21 1'
#
loop_
_entity.id
_entity.type
_entity.pdbx_description
1 polymer 'Serine/threonine-protein kinase Chk1'
2 non-polymer (3R,4R)-4-{4-[6-chloro-2-({1-[(1R)-2,2-difluorocyclopropyl]-5-methyl-1H-pyrazol-4-yl}amino)quinazolin-7-yl]piperidin-1-yl}-4-methyloxolan-3-ol
3 water water
#
_entity_poly.entity_id   1
_entity_poly.type   'polypeptide(L)'
_entity_poly.pdbx_seq_one_letter_code
;MAVPFVEDWDLVQTLGEGAYGEVQLAVNRVTEEAVAVKIVDMKRAVDCPENIKKEICILKMLNHENVIKFYGHRREGNIQ
YLFMELASGGSLFDRIEPDIGMPEPDAQRFFHQLMAGVVYLHGIGITHRDIKPHNLLLDERDNLKIADYSLATVFRYNNR
ERLLNKMCGTLPYVAPELLKRREFHAEPVDVWSCGIVLTAMLAGELPWDQPSDSCQEYSDWKEKKTYLNPWKKIDSAPLA
LLHKILVENPSARITIPDIKKDRWYNKPLKKGAKRPRVTSGGVSESPSGHHHHHHHH
;
_entity_poly.pdbx_strand_id   A,B
#
loop_
_chem_comp.id
_chem_comp.type
_chem_comp.name
_chem_comp.formula
BYL non-polymer (3R,4R)-4-{4-[6-chloro-2-({1-[(1R)-2,2-difluorocyclopropyl]-5-methyl-1H-pyrazol-4-yl}amino)quinazolin-7-yl]piperidin-1-yl}-4-methyloxolan-3-ol 'C25 H29 Cl F2 N6 O2'
#
# COMPACT_ATOMS: atom_id res chain seq x y z
N TRP A 9 -9.39 5.32 -10.77
CA TRP A 9 -8.32 4.32 -10.74
C TRP A 9 -7.05 4.82 -11.44
N ASP A 10 -5.89 4.28 -11.04
CA ASP A 10 -4.60 4.66 -11.61
C ASP A 10 -3.71 3.44 -11.85
N LEU A 11 -3.36 3.18 -13.11
CA LEU A 11 -2.49 2.07 -13.51
C LEU A 11 -1.09 2.31 -12.97
N VAL A 12 -0.45 1.29 -12.41
CA VAL A 12 0.86 1.43 -11.82
C VAL A 12 1.90 0.45 -12.39
N GLN A 13 1.55 -0.84 -12.42
CA GLN A 13 2.50 -1.86 -12.84
C GLN A 13 1.83 -2.98 -13.62
N THR A 14 2.48 -3.49 -14.67
CA THR A 14 1.96 -4.60 -15.45
C THR A 14 2.21 -5.91 -14.71
N LEU A 15 1.14 -6.69 -14.50
CA LEU A 15 1.22 -7.97 -13.79
C LEU A 15 1.18 -9.20 -14.72
N GLY A 16 1.29 -9.01 -16.02
CA GLY A 16 1.26 -10.11 -16.98
C GLY A 16 0.39 -9.81 -18.17
N GLU A 17 0.71 -10.41 -19.32
CA GLU A 17 -0.04 -10.21 -20.55
C GLU A 17 -0.63 -11.52 -21.06
N GLY A 18 -1.84 -11.46 -21.56
CA GLY A 18 -2.52 -12.64 -22.06
C GLY A 18 -2.92 -12.54 -23.52
N ALA A 19 -3.76 -13.49 -23.97
CA ALA A 19 -4.25 -13.55 -25.34
C ALA A 19 -5.11 -12.36 -25.72
N TYR A 20 -6.01 -11.95 -24.83
CA TYR A 20 -6.88 -10.81 -25.09
C TYR A 20 -6.70 -9.75 -24.02
N GLY A 21 -5.78 -8.83 -24.24
CA GLY A 21 -5.54 -7.75 -23.30
C GLY A 21 -4.27 -7.90 -22.47
N GLU A 22 -4.28 -7.27 -21.28
CA GLU A 22 -3.16 -7.25 -20.34
C GLU A 22 -3.67 -6.97 -18.93
N VAL A 23 -3.03 -7.53 -17.90
CA VAL A 23 -3.41 -7.30 -16.52
C VAL A 23 -2.53 -6.22 -15.89
N GLN A 24 -3.15 -5.18 -15.30
CA GLN A 24 -2.46 -4.05 -14.69
C GLN A 24 -2.77 -3.91 -13.18
N LEU A 25 -2.02 -3.08 -12.46
CA LEU A 25 -2.24 -2.83 -11.04
C LEU A 25 -2.92 -1.46 -10.89
N ALA A 26 -4.20 -1.45 -10.50
CA ALA A 26 -4.93 -0.18 -10.36
C ALA A 26 -5.11 0.27 -8.92
N VAL A 27 -4.33 1.28 -8.49
CA VAL A 27 -4.46 1.82 -7.14
C VAL A 27 -5.16 3.17 -7.22
N ASN A 28 -6.41 3.25 -6.75
CA ASN A 28 -7.19 4.49 -6.75
C ASN A 28 -6.50 5.53 -5.89
N ARG A 29 -6.32 6.76 -6.40
CA ARG A 29 -5.68 7.83 -5.61
C ARG A 29 -6.57 8.39 -4.49
N VAL A 30 -7.72 7.75 -4.21
CA VAL A 30 -8.66 8.15 -3.17
C VAL A 30 -8.86 7.01 -2.16
N THR A 31 -9.22 5.79 -2.62
CA THR A 31 -9.46 4.64 -1.75
C THR A 31 -8.22 3.78 -1.48
N GLU A 32 -7.18 3.89 -2.33
CA GLU A 32 -5.91 3.14 -2.26
C GLU A 32 -6.06 1.63 -2.41
N GLU A 33 -7.20 1.16 -2.93
CA GLU A 33 -7.48 -0.26 -3.09
C GLU A 33 -6.62 -0.87 -4.18
N ALA A 34 -5.51 -1.49 -3.80
CA ALA A 34 -4.62 -2.12 -4.77
C ALA A 34 -5.25 -3.38 -5.33
N VAL A 35 -5.75 -3.30 -6.57
CA VAL A 35 -6.40 -4.43 -7.25
C VAL A 35 -5.76 -4.68 -8.64
N ALA A 36 -6.02 -5.85 -9.24
CA ALA A 36 -5.48 -6.17 -10.56
C ALA A 36 -6.58 -6.05 -11.62
N VAL A 37 -6.34 -5.31 -12.69
CA VAL A 37 -7.35 -5.09 -13.73
C VAL A 37 -6.97 -5.65 -15.10
N LYS A 38 -7.76 -6.60 -15.63
CA LYS A 38 -7.51 -7.12 -16.97
C LYS A 38 -8.20 -6.16 -17.94
N ILE A 39 -7.42 -5.43 -18.74
CA ILE A 39 -7.96 -4.45 -19.69
C ILE A 39 -8.17 -5.14 -21.05
N VAL A 40 -9.37 -5.66 -21.29
CA VAL A 40 -9.68 -6.38 -22.51
C VAL A 40 -10.19 -5.49 -23.65
N ASP A 41 -9.46 -5.43 -24.77
CA ASP A 41 -9.88 -4.65 -25.94
C ASP A 41 -10.97 -5.40 -26.70
N MET A 42 -12.07 -4.70 -27.05
CA MET A 42 -13.24 -5.26 -27.74
C MET A 42 -14.06 -6.20 -26.86
N GLU A 50 -19.02 -11.81 -26.14
CA GLU A 50 -19.46 -13.15 -26.56
C GLU A 50 -18.63 -14.21 -25.83
N ASN A 51 -17.31 -14.01 -25.76
CA ASN A 51 -16.44 -14.90 -25.03
C ASN A 51 -16.18 -14.30 -23.65
N ILE A 52 -15.99 -12.97 -23.55
CA ILE A 52 -15.82 -12.32 -22.26
C ILE A 52 -17.16 -12.13 -21.53
N LYS A 53 -18.32 -12.34 -22.20
CA LYS A 53 -19.61 -12.33 -21.53
C LYS A 53 -19.66 -13.59 -20.63
N LYS A 54 -19.19 -14.75 -21.17
CA LYS A 54 -19.08 -16.04 -20.49
C LYS A 54 -17.98 -15.99 -19.41
N GLU A 55 -16.90 -15.25 -19.67
CA GLU A 55 -15.80 -15.09 -18.71
C GLU A 55 -16.31 -14.30 -17.49
N ILE A 56 -16.94 -13.12 -17.74
CA ILE A 56 -17.52 -12.26 -16.69
C ILE A 56 -18.58 -13.02 -15.89
N CYS A 57 -19.34 -13.90 -16.54
CA CYS A 57 -20.33 -14.72 -15.88
C CYS A 57 -19.69 -15.63 -14.81
N ILE A 58 -18.88 -16.63 -15.24
CA ILE A 58 -18.22 -17.62 -14.40
C ILE A 58 -17.52 -16.97 -13.21
N LEU A 59 -16.82 -15.87 -13.45
CA LEU A 59 -16.12 -15.08 -12.44
C LEU A 59 -17.00 -14.69 -11.24
N LYS A 60 -18.28 -14.38 -11.47
CA LYS A 60 -19.21 -13.99 -10.40
C LYS A 60 -19.61 -15.17 -9.51
N MET A 61 -19.62 -16.40 -10.04
CA MET A 61 -19.94 -17.58 -9.23
C MET A 61 -18.83 -17.96 -8.26
N LEU A 62 -17.62 -17.39 -8.41
CA LEU A 62 -16.44 -17.73 -7.63
C LEU A 62 -16.32 -17.10 -6.26
N ASN A 63 -16.52 -17.91 -5.22
CA ASN A 63 -16.38 -17.50 -3.82
C ASN A 63 -15.63 -18.58 -2.99
N HIS A 64 -14.29 -18.54 -3.04
CA HIS A 64 -13.45 -19.49 -2.32
C HIS A 64 -12.11 -18.82 -1.99
N GLU A 65 -11.48 -19.19 -0.88
CA GLU A 65 -10.21 -18.58 -0.45
C GLU A 65 -9.01 -18.93 -1.34
N ASN A 66 -9.09 -20.04 -2.07
CA ASN A 66 -8.01 -20.43 -2.99
C ASN A 66 -8.37 -20.13 -4.47
N VAL A 67 -9.27 -19.16 -4.70
CA VAL A 67 -9.75 -18.76 -6.02
C VAL A 67 -9.76 -17.23 -6.04
N ILE A 68 -9.13 -16.63 -7.08
CA ILE A 68 -9.05 -15.16 -7.23
C ILE A 68 -10.47 -14.51 -7.26
N LYS A 69 -10.66 -13.47 -6.43
CA LYS A 69 -11.93 -12.78 -6.31
C LYS A 69 -12.18 -11.79 -7.44
N PHE A 70 -13.36 -11.88 -8.06
CA PHE A 70 -13.79 -10.98 -9.12
C PHE A 70 -14.54 -9.81 -8.51
N TYR A 71 -13.96 -8.61 -8.59
CA TYR A 71 -14.58 -7.44 -8.00
C TYR A 71 -15.67 -6.81 -8.92
N GLY A 72 -15.26 -6.15 -10.01
CA GLY A 72 -16.23 -5.52 -10.91
C GLY A 72 -15.84 -5.52 -12.36
N HIS A 73 -16.74 -5.02 -13.23
CA HIS A 73 -16.49 -4.94 -14.66
C HIS A 73 -17.12 -3.71 -15.33
N ARG A 74 -16.37 -2.61 -15.40
CA ARG A 74 -16.85 -1.39 -16.05
C ARG A 74 -16.61 -1.46 -17.57
N ARG A 75 -17.46 -0.83 -18.35
CA ARG A 75 -17.33 -0.85 -19.81
C ARG A 75 -17.11 0.57 -20.35
N GLU A 76 -16.21 0.71 -21.33
CA GLU A 76 -15.93 2.02 -21.94
C GLU A 76 -15.98 1.92 -23.46
N GLY A 77 -17.14 1.55 -23.98
CA GLY A 77 -17.35 1.38 -25.41
C GLY A 77 -16.73 0.11 -25.93
N ASN A 78 -15.41 0.14 -26.17
CA ASN A 78 -14.64 -1.01 -26.65
C ASN A 78 -13.65 -1.49 -25.58
N ILE A 79 -13.10 -0.56 -24.77
CA ILE A 79 -12.12 -0.88 -23.72
C ILE A 79 -12.82 -1.45 -22.48
N GLN A 80 -12.80 -2.78 -22.29
CA GLN A 80 -13.41 -3.40 -21.12
C GLN A 80 -12.43 -3.50 -19.94
N TYR A 81 -12.95 -3.48 -18.71
CA TYR A 81 -12.11 -3.56 -17.52
C TYR A 81 -12.58 -4.69 -16.59
N LEU A 82 -11.63 -5.45 -16.03
CA LEU A 82 -11.96 -6.54 -15.10
C LEU A 82 -11.19 -6.41 -13.80
N PHE A 83 -11.85 -5.88 -12.77
CA PHE A 83 -11.24 -5.69 -11.45
C PHE A 83 -11.17 -7.05 -10.71
N MET A 84 -9.99 -7.36 -10.16
CA MET A 84 -9.72 -8.63 -9.48
C MET A 84 -8.83 -8.45 -8.25
N GLU A 85 -8.84 -9.46 -7.37
CA GLU A 85 -8.04 -9.53 -6.15
C GLU A 85 -6.54 -9.49 -6.49
N LEU A 86 -5.77 -8.64 -5.81
CA LEU A 86 -4.33 -8.55 -6.07
C LEU A 86 -3.52 -9.48 -5.17
N ALA A 87 -2.66 -10.30 -5.77
CA ALA A 87 -1.81 -11.21 -5.03
C ALA A 87 -0.41 -10.60 -4.90
N SER A 88 -0.19 -9.83 -3.83
CA SER A 88 1.06 -9.13 -3.53
C SER A 88 2.32 -9.99 -3.57
N GLY A 89 2.17 -11.28 -3.26
CA GLY A 89 3.28 -12.22 -3.26
C GLY A 89 3.78 -12.64 -4.62
N GLY A 90 2.98 -12.39 -5.66
CA GLY A 90 3.34 -12.75 -7.02
C GLY A 90 2.72 -14.05 -7.46
N SER A 91 3.45 -14.84 -8.26
CA SER A 91 2.93 -16.11 -8.75
C SER A 91 3.80 -17.29 -8.31
N LEU A 92 3.26 -18.52 -8.40
CA LEU A 92 3.98 -19.75 -8.06
C LEU A 92 5.17 -20.00 -9.02
N PHE A 93 5.12 -19.47 -10.24
CA PHE A 93 6.21 -19.65 -11.20
C PHE A 93 7.48 -19.00 -10.69
N ASP A 94 7.35 -17.78 -10.16
CA ASP A 94 8.47 -17.00 -9.65
C ASP A 94 9.11 -17.61 -8.39
N ARG A 95 8.47 -18.63 -7.78
CA ARG A 95 8.92 -19.35 -6.59
C ARG A 95 9.58 -20.69 -6.90
N ILE A 96 9.61 -21.11 -8.17
CA ILE A 96 10.24 -22.36 -8.59
C ILE A 96 11.63 -22.01 -9.13
N GLU A 97 12.67 -22.50 -8.46
CA GLU A 97 14.05 -22.25 -8.86
C GLU A 97 14.42 -23.22 -9.98
N PRO A 98 14.80 -22.71 -11.18
CA PRO A 98 15.13 -23.61 -12.29
C PRO A 98 16.15 -24.70 -11.95
N ASP A 99 15.80 -25.94 -12.29
CA ASP A 99 16.58 -27.16 -12.08
C ASP A 99 16.56 -27.68 -10.62
N ILE A 100 16.09 -26.86 -9.68
CA ILE A 100 16.03 -27.26 -8.27
C ILE A 100 14.55 -27.43 -7.82
N GLY A 101 13.76 -26.38 -7.97
CA GLY A 101 12.37 -26.36 -7.58
C GLY A 101 12.15 -25.58 -6.31
N MET A 102 11.76 -26.29 -5.25
CA MET A 102 11.50 -25.69 -3.95
C MET A 102 11.45 -26.82 -2.89
N PRO A 103 11.43 -26.49 -1.58
CA PRO A 103 11.42 -27.55 -0.56
C PRO A 103 10.14 -28.39 -0.55
N GLU A 104 10.25 -29.69 -0.23
CA GLU A 104 9.13 -30.63 -0.17
C GLU A 104 8.00 -30.14 0.74
N PRO A 105 8.26 -29.53 1.94
CA PRO A 105 7.14 -29.00 2.74
C PRO A 105 6.45 -27.81 2.07
N ASP A 106 7.17 -27.01 1.29
CA ASP A 106 6.58 -25.86 0.61
C ASP A 106 5.74 -26.33 -0.57
N ALA A 107 6.24 -27.32 -1.33
CA ALA A 107 5.54 -27.91 -2.46
C ALA A 107 4.26 -28.59 -2.00
N GLN A 108 4.31 -29.27 -0.84
CA GLN A 108 3.13 -29.95 -0.33
C GLN A 108 2.03 -28.97 0.08
N ARG A 109 2.40 -27.88 0.76
CA ARG A 109 1.42 -26.87 1.18
C ARG A 109 0.75 -26.18 -0.02
N PHE A 110 1.49 -26.03 -1.14
CA PHE A 110 0.91 -25.44 -2.34
C PHE A 110 0.01 -26.43 -3.04
N PHE A 111 0.38 -27.73 -3.05
CA PHE A 111 -0.44 -28.78 -3.67
C PHE A 111 -1.74 -28.97 -2.94
N HIS A 112 -1.72 -28.84 -1.60
CA HIS A 112 -2.89 -28.94 -0.75
C HIS A 112 -3.90 -27.85 -1.13
N GLN A 113 -3.40 -26.61 -1.30
CA GLN A 113 -4.21 -25.45 -1.68
C GLN A 113 -4.64 -25.51 -3.14
N LEU A 114 -3.85 -26.14 -4.00
CA LEU A 114 -4.18 -26.33 -5.39
C LEU A 114 -5.36 -27.28 -5.49
N MET A 115 -5.32 -28.39 -4.75
CA MET A 115 -6.41 -29.35 -4.72
C MET A 115 -7.70 -28.75 -4.14
N ALA A 116 -7.59 -27.90 -3.12
CA ALA A 116 -8.76 -27.29 -2.51
C ALA A 116 -9.46 -26.37 -3.52
N GLY A 117 -8.69 -25.60 -4.26
CA GLY A 117 -9.21 -24.71 -5.30
C GLY A 117 -9.75 -25.44 -6.51
N VAL A 118 -9.19 -26.62 -6.84
CA VAL A 118 -9.66 -27.43 -7.97
C VAL A 118 -10.94 -28.20 -7.58
N VAL A 119 -11.00 -28.69 -6.33
CA VAL A 119 -12.16 -29.42 -5.82
C VAL A 119 -13.37 -28.49 -5.80
N TYR A 120 -13.17 -27.25 -5.31
CA TYR A 120 -14.20 -26.22 -5.28
C TYR A 120 -14.72 -25.98 -6.70
N LEU A 121 -13.79 -25.69 -7.65
CA LEU A 121 -14.13 -25.46 -9.04
C LEU A 121 -14.96 -26.59 -9.63
N HIS A 122 -14.54 -27.82 -9.38
CA HIS A 122 -15.25 -28.99 -9.88
C HIS A 122 -16.61 -29.18 -9.25
N GLY A 123 -16.73 -28.87 -7.97
CA GLY A 123 -17.99 -28.94 -7.23
C GLY A 123 -19.05 -28.02 -7.78
N ILE A 124 -18.62 -26.88 -8.35
CA ILE A 124 -19.56 -25.94 -8.96
C ILE A 124 -19.61 -26.06 -10.48
N GLY A 125 -19.26 -27.22 -11.02
CA GLY A 125 -19.28 -27.52 -12.45
C GLY A 125 -18.36 -26.74 -13.37
N ILE A 126 -17.25 -26.22 -12.83
CA ILE A 126 -16.28 -25.43 -13.60
C ILE A 126 -14.89 -26.09 -13.76
N THR A 127 -14.36 -26.14 -15.00
CA THR A 127 -12.99 -26.61 -15.24
C THR A 127 -12.19 -25.38 -15.68
N HIS A 128 -10.98 -25.18 -15.11
CA HIS A 128 -10.11 -24.03 -15.41
C HIS A 128 -9.54 -24.17 -16.81
N ARG A 129 -9.14 -25.39 -17.20
CA ARG A 129 -8.61 -25.74 -18.51
C ARG A 129 -7.17 -25.27 -18.81
N ASP A 130 -6.55 -24.41 -17.99
CA ASP A 130 -5.16 -24.00 -18.22
C ASP A 130 -4.33 -23.94 -16.91
N ILE A 131 -4.38 -24.99 -16.08
CA ILE A 131 -3.63 -25.01 -14.82
C ILE A 131 -2.12 -25.10 -15.09
N LYS A 132 -1.38 -24.08 -14.63
CA LYS A 132 0.08 -23.95 -14.76
C LYS A 132 0.57 -22.88 -13.77
N PRO A 133 1.87 -22.90 -13.39
CA PRO A 133 2.38 -21.95 -12.37
C PRO A 133 2.07 -20.48 -12.54
N HIS A 134 1.93 -20.01 -13.78
CA HIS A 134 1.62 -18.61 -14.07
C HIS A 134 0.18 -18.20 -13.71
N ASN A 135 -0.71 -19.18 -13.55
CA ASN A 135 -2.10 -18.94 -13.16
C ASN A 135 -2.37 -19.18 -11.67
N LEU A 136 -1.34 -19.54 -10.90
CA LEU A 136 -1.51 -19.79 -9.47
C LEU A 136 -0.77 -18.68 -8.77
N LEU A 137 -1.52 -17.72 -8.22
CA LEU A 137 -0.94 -16.54 -7.58
C LEU A 137 -0.93 -16.62 -6.05
N LEU A 138 0.16 -16.19 -5.42
CA LEU A 138 0.30 -16.23 -3.97
C LEU A 138 0.01 -14.89 -3.30
N ASP A 139 -0.82 -14.85 -2.23
CA ASP A 139 -1.08 -13.58 -1.52
C ASP A 139 0.03 -13.24 -0.48
N GLU A 140 -0.16 -12.18 0.34
CA GLU A 140 0.79 -11.73 1.37
C GLU A 140 1.16 -12.83 2.40
N ARG A 141 0.21 -13.74 2.69
CA ARG A 141 0.41 -14.86 3.61
C ARG A 141 0.86 -16.16 2.88
N ASP A 142 1.22 -16.06 1.58
CA ASP A 142 1.65 -17.15 0.72
C ASP A 142 0.52 -18.15 0.40
N ASN A 143 -0.73 -17.72 0.40
CA ASN A 143 -1.84 -18.62 0.06
C ASN A 143 -1.98 -18.69 -1.44
N LEU A 144 -2.20 -19.89 -1.98
CA LEU A 144 -2.33 -20.10 -3.42
C LEU A 144 -3.74 -19.81 -3.90
N LYS A 145 -3.87 -19.07 -5.01
CA LYS A 145 -5.15 -18.71 -5.62
C LYS A 145 -5.15 -19.03 -7.10
N ILE A 146 -6.24 -19.61 -7.61
CA ILE A 146 -6.34 -19.96 -9.03
C ILE A 146 -6.94 -18.78 -9.79
N ALA A 147 -6.18 -18.23 -10.73
CA ALA A 147 -6.59 -17.05 -11.52
C ALA A 147 -6.69 -17.36 -13.03
N ASP A 148 -7.30 -16.44 -13.83
CA ASP A 148 -7.45 -16.51 -15.29
C ASP A 148 -8.52 -17.51 -15.72
N TYR A 149 -9.74 -17.00 -15.91
CA TYR A 149 -10.85 -17.85 -16.32
C TYR A 149 -11.26 -17.62 -17.79
N SER A 150 -10.33 -17.09 -18.61
CA SER A 150 -10.53 -16.89 -20.05
C SER A 150 -10.64 -18.20 -20.84
N LEU A 151 -10.24 -19.33 -20.24
CA LEU A 151 -10.40 -20.64 -20.86
C LEU A 151 -11.33 -21.55 -20.03
N ALA A 152 -11.81 -21.08 -18.87
CA ALA A 152 -12.68 -21.84 -18.01
C ALA A 152 -14.06 -22.01 -18.63
N THR A 153 -14.51 -23.26 -18.78
CA THR A 153 -15.82 -23.58 -19.32
C THR A 153 -16.67 -24.37 -18.27
N VAL A 154 -17.98 -24.57 -18.55
CA VAL A 154 -18.89 -25.32 -17.69
C VAL A 154 -18.87 -26.76 -18.17
N PHE A 155 -18.56 -27.69 -17.28
CA PHE A 155 -18.56 -29.11 -17.63
C PHE A 155 -19.72 -29.86 -16.96
N ARG A 156 -20.44 -29.23 -16.02
CA ARG A 156 -21.57 -29.85 -15.35
C ARG A 156 -22.61 -28.81 -15.08
N TYR A 157 -23.85 -29.07 -15.55
CA TYR A 157 -24.98 -28.16 -15.37
C TYR A 157 -26.20 -29.01 -15.07
N ASN A 158 -26.88 -28.74 -13.93
CA ASN A 158 -28.05 -29.49 -13.47
C ASN A 158 -27.71 -30.95 -13.22
N ASN A 159 -26.55 -31.19 -12.61
CA ASN A 159 -26.05 -32.54 -12.28
C ASN A 159 -25.92 -33.46 -13.48
N ARG A 160 -25.62 -32.88 -14.62
CA ARG A 160 -25.44 -33.61 -15.85
C ARG A 160 -24.08 -33.16 -16.43
N GLU A 161 -23.18 -34.13 -16.62
CA GLU A 161 -21.84 -33.86 -17.12
C GLU A 161 -21.80 -33.79 -18.63
N ARG A 162 -21.17 -32.74 -19.14
CA ARG A 162 -20.95 -32.49 -20.55
C ARG A 162 -19.47 -32.76 -20.88
N LEU A 163 -19.21 -33.53 -21.94
CA LEU A 163 -17.84 -33.80 -22.36
C LEU A 163 -17.21 -32.60 -23.11
N LEU A 164 -15.88 -32.59 -23.20
CA LEU A 164 -15.19 -31.50 -23.86
C LEU A 164 -14.69 -31.90 -25.24
N ASN A 165 -14.58 -30.93 -26.13
CA ASN A 165 -14.10 -31.19 -27.49
C ASN A 165 -13.04 -30.16 -27.93
N LYS A 166 -13.14 -28.92 -27.41
CA LYS A 166 -12.19 -27.86 -27.75
C LYS A 166 -10.82 -28.14 -27.16
N MET A 167 -9.78 -27.97 -27.97
CA MET A 167 -8.41 -28.16 -27.51
C MET A 167 -7.90 -26.83 -27.05
N CYS A 168 -7.42 -26.77 -25.82
CA CYS A 168 -6.86 -25.54 -25.27
C CYS A 168 -5.93 -25.84 -24.09
N GLY A 169 -5.19 -24.82 -23.66
CA GLY A 169 -4.24 -24.97 -22.57
C GLY A 169 -2.83 -24.72 -23.05
N THR A 170 -1.85 -25.30 -22.37
CA THR A 170 -0.45 -25.17 -22.69
C THR A 170 0.10 -26.59 -22.84
N LEU A 171 0.74 -26.85 -23.99
CA LEU A 171 1.24 -28.16 -24.39
C LEU A 171 2.01 -28.97 -23.30
N PRO A 172 2.99 -28.41 -22.54
CA PRO A 172 3.65 -29.23 -21.51
C PRO A 172 2.74 -29.64 -20.32
N TYR A 173 1.57 -28.99 -20.19
CA TYR A 173 0.65 -29.27 -19.10
C TYR A 173 -0.62 -30.03 -19.50
N VAL A 174 -0.92 -30.14 -20.82
CA VAL A 174 -2.15 -30.82 -21.24
C VAL A 174 -2.08 -32.32 -21.10
N ALA A 175 -3.25 -32.94 -20.84
CA ALA A 175 -3.38 -34.38 -20.71
C ALA A 175 -3.31 -35.03 -22.10
N PRO A 176 -2.80 -36.28 -22.18
CA PRO A 176 -2.66 -36.92 -23.50
C PRO A 176 -3.98 -37.11 -24.27
N GLU A 177 -5.08 -37.43 -23.57
CA GLU A 177 -6.41 -37.61 -24.19
C GLU A 177 -6.90 -36.37 -24.94
N LEU A 178 -6.43 -35.19 -24.56
CA LEU A 178 -6.82 -33.95 -25.19
C LEU A 178 -6.35 -33.88 -26.66
N LEU A 179 -5.22 -34.51 -26.97
CA LEU A 179 -4.68 -34.52 -28.33
C LEU A 179 -5.02 -35.83 -29.10
N LYS A 180 -5.50 -36.87 -28.41
CA LYS A 180 -5.76 -38.16 -29.05
C LYS A 180 -7.24 -38.53 -29.17
N ARG A 181 -8.13 -37.83 -28.45
CA ARG A 181 -9.54 -38.17 -28.47
C ARG A 181 -10.41 -37.00 -28.87
N ARG A 182 -11.54 -37.28 -29.56
CA ARG A 182 -12.46 -36.25 -30.01
C ARG A 182 -13.26 -35.66 -28.84
N GLU A 183 -13.60 -36.52 -27.85
CA GLU A 183 -14.30 -36.08 -26.65
C GLU A 183 -13.68 -36.65 -25.41
N PHE A 184 -13.58 -35.85 -24.36
CA PHE A 184 -12.91 -36.25 -23.13
C PHE A 184 -13.50 -35.57 -21.90
N HIS A 185 -13.45 -36.24 -20.73
CA HIS A 185 -13.95 -35.70 -19.46
C HIS A 185 -13.11 -34.51 -19.02
N ALA A 186 -13.71 -33.53 -18.34
CA ALA A 186 -12.99 -32.32 -17.93
C ALA A 186 -12.06 -32.48 -16.72
N GLU A 187 -12.54 -33.11 -15.65
CA GLU A 187 -11.84 -33.31 -14.39
C GLU A 187 -10.48 -34.02 -14.55
N PRO A 188 -10.37 -35.17 -15.26
CA PRO A 188 -9.05 -35.80 -15.41
C PRO A 188 -8.00 -34.88 -16.03
N VAL A 189 -8.42 -33.96 -16.93
CA VAL A 189 -7.48 -33.01 -17.56
C VAL A 189 -6.90 -32.06 -16.51
N ASP A 190 -7.73 -31.62 -15.54
CA ASP A 190 -7.28 -30.73 -14.47
C ASP A 190 -6.37 -31.43 -13.48
N VAL A 191 -6.62 -32.74 -13.23
CA VAL A 191 -5.80 -33.57 -12.35
C VAL A 191 -4.41 -33.72 -12.98
N TRP A 192 -4.34 -34.04 -14.29
CA TRP A 192 -3.09 -34.18 -15.04
C TRP A 192 -2.22 -32.95 -14.92
N SER A 193 -2.77 -31.77 -15.21
CA SER A 193 -1.99 -30.52 -15.14
C SER A 193 -1.49 -30.21 -13.74
N CYS A 194 -2.21 -30.67 -12.71
CA CYS A 194 -1.76 -30.49 -11.32
C CYS A 194 -0.54 -31.34 -11.06
N GLY A 195 -0.50 -32.55 -11.63
CA GLY A 195 0.66 -33.45 -11.56
C GLY A 195 1.87 -32.80 -12.22
N ILE A 196 1.68 -32.10 -13.35
CA ILE A 196 2.78 -31.40 -14.01
C ILE A 196 3.27 -30.23 -13.12
N VAL A 197 2.34 -29.53 -12.43
CA VAL A 197 2.68 -28.45 -11.51
C VAL A 197 3.52 -29.00 -10.36
N LEU A 198 3.05 -30.10 -9.72
CA LEU A 198 3.77 -30.76 -8.64
C LEU A 198 5.16 -31.24 -9.12
N THR A 199 5.26 -31.75 -10.35
CA THR A 199 6.55 -32.18 -10.93
C THR A 199 7.51 -30.97 -10.98
N ALA A 200 7.01 -29.82 -11.46
CA ALA A 200 7.76 -28.58 -11.58
C ALA A 200 8.16 -28.01 -10.21
N MET A 201 7.31 -28.16 -9.17
CA MET A 201 7.64 -27.65 -7.84
C MET A 201 8.71 -28.52 -7.16
N LEU A 202 8.68 -29.84 -7.37
CA LEU A 202 9.64 -30.75 -6.76
C LEU A 202 10.93 -30.91 -7.53
N ALA A 203 11.02 -30.40 -8.77
CA ALA A 203 12.23 -30.61 -9.56
C ALA A 203 12.69 -29.45 -10.45
N GLY A 204 11.94 -28.33 -10.43
CA GLY A 204 12.25 -27.12 -11.20
C GLY A 204 12.44 -27.37 -12.67
N GLU A 205 11.73 -28.35 -13.22
CA GLU A 205 11.89 -28.75 -14.60
C GLU A 205 10.60 -29.41 -15.11
N LEU A 206 10.27 -29.20 -16.39
CA LEU A 206 9.09 -29.83 -17.00
C LEU A 206 9.53 -31.12 -17.68
N PRO A 207 8.73 -32.18 -17.54
CA PRO A 207 9.19 -33.49 -18.04
C PRO A 207 9.15 -33.71 -19.55
N TRP A 208 8.25 -33.03 -20.27
CA TRP A 208 8.10 -33.22 -21.71
C TRP A 208 7.48 -31.99 -22.38
N ASP A 209 7.63 -31.85 -23.70
CA ASP A 209 7.04 -30.74 -24.42
C ASP A 209 5.53 -30.93 -24.60
N GLN A 210 5.04 -32.18 -24.57
CA GLN A 210 3.65 -32.62 -24.75
C GLN A 210 3.61 -34.14 -24.59
N PRO A 211 2.51 -34.70 -24.04
CA PRO A 211 2.45 -36.16 -23.85
C PRO A 211 2.06 -36.94 -25.11
N SER A 212 2.88 -36.85 -26.15
CA SER A 212 2.59 -37.52 -27.42
C SER A 212 3.45 -38.77 -27.63
N ASP A 213 2.98 -39.69 -28.46
CA ASP A 213 3.73 -40.90 -28.78
C ASP A 213 5.00 -40.61 -29.61
N SER A 214 5.21 -39.36 -30.02
CA SER A 214 6.38 -38.87 -30.74
C SER A 214 7.42 -38.23 -29.78
N CYS A 215 7.04 -37.97 -28.51
CA CYS A 215 7.92 -37.35 -27.54
C CYS A 215 8.70 -38.40 -26.78
N GLN A 216 10.03 -38.35 -26.89
CA GLN A 216 10.94 -39.31 -26.27
C GLN A 216 10.85 -39.33 -24.75
N GLU A 217 10.80 -38.16 -24.12
CA GLU A 217 10.73 -38.04 -22.66
C GLU A 217 9.45 -38.64 -22.10
N TYR A 218 8.34 -38.46 -22.82
CA TYR A 218 7.06 -39.03 -22.40
C TYR A 218 7.08 -40.55 -22.54
N SER A 219 7.68 -41.04 -23.62
CA SER A 219 7.81 -42.48 -23.85
C SER A 219 8.69 -43.11 -22.79
N ASP A 220 9.75 -42.41 -22.33
CA ASP A 220 10.63 -42.93 -21.28
C ASP A 220 9.89 -43.08 -19.97
N TRP A 221 9.01 -42.11 -19.64
CA TRP A 221 8.18 -42.12 -18.43
C TRP A 221 7.24 -43.34 -18.47
N LYS A 222 6.54 -43.56 -19.62
CA LYS A 222 5.65 -44.71 -19.81
C LYS A 222 6.40 -46.04 -19.69
N GLU A 223 7.69 -46.08 -20.06
CA GLU A 223 8.52 -47.26 -19.94
C GLU A 223 9.14 -47.42 -18.53
N LYS A 224 8.77 -46.55 -17.57
CA LYS A 224 9.20 -46.51 -16.16
C LYS A 224 10.69 -46.25 -15.99
N LYS A 225 11.23 -45.28 -16.73
CA LYS A 225 12.64 -44.95 -16.63
C LYS A 225 12.80 -43.79 -15.64
N THR A 226 12.41 -44.01 -14.37
CA THR A 226 12.48 -42.95 -13.35
C THR A 226 13.93 -42.63 -12.89
N TYR A 227 14.93 -43.27 -13.49
CA TYR A 227 16.33 -42.94 -13.21
C TYR A 227 16.76 -41.65 -13.93
N LEU A 228 16.00 -41.21 -14.96
CA LEU A 228 16.23 -40.00 -15.73
C LEU A 228 15.62 -38.76 -15.01
N ASN A 229 15.98 -37.55 -15.46
CA ASN A 229 15.43 -36.31 -14.91
C ASN A 229 14.02 -36.04 -15.48
N PRO A 230 13.15 -35.31 -14.76
CA PRO A 230 13.34 -34.73 -13.41
C PRO A 230 12.93 -35.66 -12.27
N TRP A 231 12.58 -36.94 -12.60
CA TRP A 231 12.10 -37.96 -11.67
C TRP A 231 13.14 -38.31 -10.65
N LYS A 232 14.43 -38.35 -11.06
CA LYS A 232 15.52 -38.67 -10.12
C LYS A 232 15.72 -37.56 -9.06
N LYS A 233 15.28 -36.32 -9.32
CA LYS A 233 15.37 -35.25 -8.31
C LYS A 233 14.18 -35.28 -7.31
N ILE A 234 13.18 -36.17 -7.52
CA ILE A 234 11.97 -36.26 -6.70
C ILE A 234 12.05 -37.48 -5.78
N ASP A 235 11.63 -37.30 -4.51
CA ASP A 235 11.62 -38.35 -3.50
C ASP A 235 10.65 -39.48 -3.89
N SER A 236 10.80 -40.66 -3.28
CA SER A 236 9.97 -41.82 -3.59
C SER A 236 8.52 -41.62 -3.18
N ALA A 237 8.26 -40.82 -2.14
CA ALA A 237 6.89 -40.58 -1.68
C ALA A 237 6.07 -39.75 -2.69
N PRO A 238 6.47 -38.51 -3.05
CA PRO A 238 5.69 -37.76 -4.03
C PRO A 238 5.73 -38.38 -5.42
N LEU A 239 6.81 -39.11 -5.78
CA LEU A 239 6.93 -39.76 -7.09
C LEU A 239 5.88 -40.85 -7.26
N ALA A 240 5.51 -41.55 -6.16
CA ALA A 240 4.48 -42.58 -6.19
C ALA A 240 3.09 -41.98 -6.49
N LEU A 241 2.87 -40.71 -6.07
CA LEU A 241 1.67 -39.92 -6.34
C LEU A 241 1.69 -39.52 -7.80
N LEU A 242 2.85 -39.06 -8.31
CA LEU A 242 2.99 -38.69 -9.70
C LEU A 242 2.77 -39.89 -10.62
N HIS A 243 3.12 -41.11 -10.18
CA HIS A 243 2.87 -42.31 -10.96
C HIS A 243 1.36 -42.58 -11.10
N LYS A 244 0.53 -42.07 -10.17
CA LYS A 244 -0.93 -42.24 -10.20
C LYS A 244 -1.62 -41.08 -10.91
N ILE A 245 -1.03 -39.86 -10.88
CA ILE A 245 -1.60 -38.68 -11.54
C ILE A 245 -1.28 -38.65 -13.03
N LEU A 246 -0.04 -39.05 -13.39
CA LEU A 246 0.38 -39.04 -14.78
C LEU A 246 0.19 -40.39 -15.49
N VAL A 247 -1.05 -40.88 -15.48
CA VAL A 247 -1.45 -42.13 -16.12
C VAL A 247 -2.04 -41.79 -17.49
N GLU A 248 -1.60 -42.48 -18.55
CA GLU A 248 -2.09 -42.16 -19.89
C GLU A 248 -3.60 -42.29 -20.02
N ASN A 249 -4.19 -43.38 -19.50
CA ASN A 249 -5.64 -43.62 -19.55
C ASN A 249 -6.34 -42.78 -18.51
N PRO A 250 -7.13 -41.76 -18.91
CA PRO A 250 -7.81 -40.91 -17.92
C PRO A 250 -8.89 -41.60 -17.09
N SER A 251 -9.32 -42.80 -17.48
CA SER A 251 -10.31 -43.58 -16.73
C SER A 251 -9.62 -44.29 -15.56
N ALA A 252 -8.41 -44.81 -15.79
CA ALA A 252 -7.62 -45.45 -14.73
C ALA A 252 -6.73 -44.45 -13.97
N ARG A 253 -6.93 -43.13 -14.18
CA ARG A 253 -6.15 -42.07 -13.55
C ARG A 253 -6.79 -41.68 -12.24
N ILE A 254 -5.97 -41.50 -11.18
CA ILE A 254 -6.40 -41.13 -9.82
C ILE A 254 -7.30 -39.95 -9.82
N THR A 255 -8.30 -39.97 -8.94
CA THR A 255 -9.24 -38.86 -8.81
C THR A 255 -8.84 -38.02 -7.59
N ILE A 256 -9.30 -36.76 -7.50
CA ILE A 256 -9.00 -35.91 -6.35
C ILE A 256 -9.40 -36.55 -5.02
N PRO A 257 -10.58 -37.18 -4.85
CA PRO A 257 -10.86 -37.86 -3.58
C PRO A 257 -9.81 -38.92 -3.20
N ASP A 258 -9.25 -39.63 -4.20
CA ASP A 258 -8.22 -40.63 -3.95
C ASP A 258 -6.81 -40.04 -3.79
N ILE A 259 -6.59 -38.83 -4.32
CA ILE A 259 -5.36 -38.07 -4.13
C ILE A 259 -5.31 -37.68 -2.64
N LYS A 260 -6.46 -37.25 -2.06
CA LYS A 260 -6.57 -36.85 -0.65
C LYS A 260 -6.28 -37.96 0.36
N LYS A 261 -6.11 -39.21 -0.12
CA LYS A 261 -5.78 -40.34 0.74
C LYS A 261 -4.36 -40.88 0.48
N ASP A 262 -3.57 -40.25 -0.42
CA ASP A 262 -2.21 -40.68 -0.77
C ASP A 262 -1.24 -40.47 0.39
N ARG A 263 -0.29 -41.39 0.57
CA ARG A 263 0.71 -41.34 1.64
C ARG A 263 1.46 -40.00 1.71
N TRP A 264 1.98 -39.50 0.58
CA TRP A 264 2.72 -38.24 0.60
C TRP A 264 1.80 -37.05 0.82
N TYR A 265 0.54 -37.11 0.32
CA TYR A 265 -0.43 -36.03 0.53
C TYR A 265 -0.68 -35.81 2.04
N ASN A 266 -0.73 -36.92 2.78
CA ASN A 266 -0.95 -36.92 4.20
C ASN A 266 0.36 -37.04 5.04
N LYS A 267 1.51 -37.00 4.41
CA LYS A 267 2.80 -37.09 5.11
C LYS A 267 3.12 -35.78 5.82
N PRO A 268 3.21 -35.79 7.17
CA PRO A 268 3.54 -34.54 7.89
C PRO A 268 4.93 -34.04 7.50
N LEU A 269 5.05 -32.72 7.21
CA LEU A 269 6.29 -32.12 6.75
C LEU A 269 6.63 -30.79 7.44
N LYS A 270 7.94 -30.50 7.53
CA LYS A 270 8.51 -29.26 8.07
C LYS A 270 9.99 -29.19 7.69
N LYS A 271 10.50 -27.97 7.41
CA LYS A 271 11.91 -27.71 7.02
C LYS A 271 12.40 -28.58 5.83
N TRP B 9 -2.42 53.70 14.49
CA TRP B 9 -1.36 52.71 14.55
C TRP B 9 -0.13 53.11 13.74
N ASP B 10 1.05 53.07 14.37
CA ASP B 10 2.34 53.39 13.78
C ASP B 10 3.12 52.07 13.52
N LEU B 11 3.60 51.87 12.29
CA LEU B 11 4.38 50.68 11.93
C LEU B 11 5.86 50.92 12.28
N VAL B 12 6.56 49.90 12.80
CA VAL B 12 7.93 50.07 13.26
C VAL B 12 8.94 49.08 12.62
N GLN B 13 8.72 47.77 12.76
CA GLN B 13 9.68 46.78 12.28
C GLN B 13 8.99 45.66 11.52
N THR B 14 9.61 45.15 10.43
CA THR B 14 9.04 44.05 9.68
C THR B 14 9.35 42.76 10.43
N LEU B 15 8.33 41.91 10.59
CA LEU B 15 8.46 40.66 11.33
C LEU B 15 8.37 39.42 10.44
N GLY B 16 8.65 39.56 9.15
CA GLY B 16 8.59 38.43 8.23
C GLY B 16 7.71 38.68 7.03
N GLU B 17 7.92 37.91 5.96
CA GLU B 17 7.16 38.10 4.73
C GLU B 17 6.72 36.79 4.09
N GLY B 18 5.48 36.75 3.63
CA GLY B 18 4.94 35.59 2.94
C GLY B 18 4.37 35.91 1.57
N ALA B 19 3.83 34.87 0.90
CA ALA B 19 3.18 34.95 -0.39
C ALA B 19 2.05 35.98 -0.35
N TYR B 20 1.29 36.00 0.74
CA TYR B 20 0.18 36.92 0.91
C TYR B 20 0.59 38.07 1.80
N GLY B 21 1.24 39.07 1.19
CA GLY B 21 1.67 40.28 1.86
C GLY B 21 2.97 40.19 2.62
N GLU B 22 2.95 40.76 3.85
CA GLU B 22 4.07 40.86 4.79
C GLU B 22 3.51 41.27 6.20
N VAL B 23 4.15 40.82 7.30
CA VAL B 23 3.73 41.14 8.68
C VAL B 23 4.62 42.23 9.32
N GLN B 24 4.00 43.25 9.92
CA GLN B 24 4.69 44.39 10.55
C GLN B 24 4.34 44.55 12.05
N LEU B 25 5.14 45.34 12.79
CA LEU B 25 4.89 45.60 14.21
C LEU B 25 4.20 46.95 14.33
N ALA B 26 3.04 47.00 14.98
CA ALA B 26 2.28 48.23 15.15
C ALA B 26 2.10 48.60 16.61
N VAL B 27 2.56 49.80 16.99
CA VAL B 27 2.42 50.30 18.36
C VAL B 27 1.68 51.63 18.31
N ASN B 28 0.55 51.72 19.02
CA ASN B 28 -0.21 52.96 19.06
C ASN B 28 0.54 54.01 19.90
N ARG B 29 0.53 55.28 19.48
CA ARG B 29 1.25 56.33 20.23
C ARG B 29 0.45 56.90 21.43
N VAL B 30 -0.73 56.32 21.72
CA VAL B 30 -1.58 56.75 22.85
C VAL B 30 -1.62 55.68 23.96
N THR B 31 -2.24 54.48 23.71
CA THR B 31 -2.32 53.38 24.68
C THR B 31 -1.02 52.57 24.79
N GLU B 32 -0.09 52.73 23.81
CA GLU B 32 1.22 52.07 23.72
C GLU B 32 1.14 50.53 23.52
N GLU B 33 -0.07 49.99 23.26
CA GLU B 33 -0.29 48.56 23.04
C GLU B 33 0.43 48.13 21.76
N ALA B 34 1.22 47.04 21.81
CA ALA B 34 1.96 46.58 20.65
C ALA B 34 1.35 45.30 20.06
N VAL B 35 0.93 45.35 18.78
CA VAL B 35 0.33 44.20 18.09
C VAL B 35 1.04 43.93 16.76
N ALA B 36 0.84 42.72 16.18
CA ALA B 36 1.43 42.39 14.90
C ALA B 36 0.36 42.51 13.83
N VAL B 37 0.66 43.23 12.74
CA VAL B 37 -0.28 43.48 11.66
C VAL B 37 0.14 42.84 10.35
N LYS B 38 -0.71 41.95 9.83
CA LYS B 38 -0.46 41.31 8.56
C LYS B 38 -1.06 42.24 7.49
N ILE B 39 -0.21 42.91 6.71
CA ILE B 39 -0.67 43.86 5.69
C ILE B 39 -0.79 43.19 4.31
N VAL B 40 -2.02 42.94 3.86
CA VAL B 40 -2.26 42.25 2.59
C VAL B 40 -2.80 43.16 1.49
N ASP B 41 -2.08 43.25 0.36
CA ASP B 41 -2.55 44.04 -0.79
C ASP B 41 -3.61 43.18 -1.50
N MET B 42 -4.83 43.70 -1.61
CA MET B 42 -6.03 43.10 -2.21
C MET B 42 -6.76 42.16 -1.24
N GLU B 50 -11.60 36.43 -0.93
CA GLU B 50 -11.88 35.07 -1.40
C GLU B 50 -11.04 34.07 -0.59
N ASN B 51 -9.75 34.35 -0.46
CA ASN B 51 -8.86 33.52 0.36
C ASN B 51 -8.57 34.22 1.73
N ILE B 52 -8.77 35.55 1.82
CA ILE B 52 -8.62 36.28 3.07
C ILE B 52 -9.95 36.29 3.86
N LYS B 53 -11.09 36.12 3.16
CA LYS B 53 -12.39 36.03 3.82
C LYS B 53 -12.45 34.72 4.62
N LYS B 54 -11.93 33.62 4.03
CA LYS B 54 -11.84 32.29 4.64
C LYS B 54 -10.81 32.28 5.78
N GLU B 55 -9.69 32.99 5.61
CA GLU B 55 -8.66 33.10 6.63
C GLU B 55 -9.24 33.84 7.84
N ILE B 56 -9.98 34.93 7.59
CA ILE B 56 -10.59 35.71 8.67
C ILE B 56 -11.65 34.85 9.40
N CYS B 57 -12.39 34.01 8.65
CA CYS B 57 -13.38 33.05 9.15
C CYS B 57 -12.70 32.13 10.18
N ILE B 58 -11.49 31.63 9.84
CA ILE B 58 -10.72 30.74 10.70
C ILE B 58 -10.13 31.50 11.89
N LEU B 59 -9.54 32.66 11.66
CA LEU B 59 -8.95 33.46 12.74
C LEU B 59 -9.92 33.78 13.87
N LYS B 60 -11.20 34.00 13.56
CA LYS B 60 -12.20 34.33 14.58
C LYS B 60 -12.59 33.13 15.45
N MET B 61 -12.45 31.89 14.91
CA MET B 61 -12.71 30.64 15.63
C MET B 61 -11.63 30.31 16.67
N LEU B 62 -10.53 31.07 16.75
CA LEU B 62 -9.40 30.70 17.58
C LEU B 62 -9.29 31.33 18.96
N ASN B 63 -9.21 30.47 19.99
CA ASN B 63 -8.97 30.86 21.37
C ASN B 63 -8.26 29.78 22.19
N HIS B 64 -6.94 29.73 22.06
CA HIS B 64 -6.12 28.81 22.83
C HIS B 64 -4.82 29.50 23.16
N GLU B 65 -4.17 29.12 24.28
CA GLU B 65 -2.92 29.77 24.68
C GLU B 65 -1.72 29.44 23.78
N ASN B 66 -1.81 28.37 22.96
CA ASN B 66 -0.72 28.02 22.04
C ASN B 66 -1.07 28.27 20.57
N VAL B 67 -1.92 29.29 20.33
CA VAL B 67 -2.40 29.71 19.02
C VAL B 67 -2.48 31.22 19.06
N ILE B 68 -1.90 31.92 18.06
CA ILE B 68 -1.92 33.38 17.99
C ILE B 68 -3.35 33.91 17.99
N LYS B 69 -3.63 34.91 18.82
CA LYS B 69 -4.96 35.50 18.94
C LYS B 69 -5.25 36.52 17.84
N PHE B 70 -6.44 36.45 17.26
CA PHE B 70 -6.88 37.41 16.27
C PHE B 70 -7.51 38.59 17.02
N TYR B 71 -7.12 39.82 16.70
CA TYR B 71 -7.63 41.01 17.37
C TYR B 71 -8.72 41.74 16.58
N GLY B 72 -8.62 41.68 15.27
CA GLY B 72 -9.57 42.33 14.39
C GLY B 72 -8.98 42.68 13.04
N HIS B 73 -9.82 43.13 12.11
CA HIS B 73 -9.36 43.49 10.78
C HIS B 73 -9.93 44.81 10.33
N ARG B 74 -9.11 45.59 9.62
CA ARG B 74 -9.52 46.89 9.12
C ARG B 74 -9.23 46.98 7.63
N ARG B 75 -10.24 47.30 6.83
CA ARG B 75 -10.08 47.43 5.39
C ARG B 75 -9.80 48.90 5.05
N GLU B 76 -8.80 49.16 4.20
CA GLU B 76 -8.47 50.53 3.79
C GLU B 76 -8.23 50.58 2.28
N GLY B 77 -9.32 50.65 1.53
CA GLY B 77 -9.27 50.66 0.09
C GLY B 77 -9.04 49.26 -0.42
N ASN B 78 -7.85 49.01 -0.99
CA ASN B 78 -7.50 47.68 -1.50
C ASN B 78 -6.37 47.07 -0.68
N ILE B 79 -6.36 47.29 0.65
CA ILE B 79 -5.37 46.75 1.58
C ILE B 79 -6.06 46.30 2.87
N GLN B 80 -5.93 45.01 3.23
CA GLN B 80 -6.53 44.51 4.47
C GLN B 80 -5.46 44.35 5.55
N TYR B 81 -5.67 44.99 6.70
CA TYR B 81 -4.78 44.90 7.84
C TYR B 81 -5.34 43.84 8.79
N LEU B 82 -4.52 42.85 9.20
CA LEU B 82 -4.98 41.82 10.14
C LEU B 82 -4.23 41.97 11.45
N PHE B 83 -4.91 42.44 12.48
CA PHE B 83 -4.34 42.66 13.79
C PHE B 83 -4.30 41.34 14.58
N MET B 84 -3.12 40.95 15.04
CA MET B 84 -2.91 39.71 15.78
C MET B 84 -2.07 39.94 17.04
N GLU B 85 -2.04 38.94 17.93
CA GLU B 85 -1.23 38.91 19.14
C GLU B 85 0.25 39.03 18.75
N LEU B 86 1.04 39.81 19.51
CA LEU B 86 2.46 39.92 19.21
C LEU B 86 3.22 38.89 20.03
N ALA B 87 4.12 38.14 19.39
CA ALA B 87 4.94 37.15 20.05
C ALA B 87 6.35 37.74 20.17
N SER B 88 6.60 38.45 21.28
CA SER B 88 7.83 39.19 21.54
C SER B 88 9.13 38.40 21.55
N GLY B 89 9.04 37.07 21.63
CA GLY B 89 10.22 36.23 21.67
C GLY B 89 10.75 35.77 20.32
N GLY B 90 10.13 36.23 19.23
CA GLY B 90 10.55 35.83 17.89
C GLY B 90 9.93 34.50 17.52
N SER B 91 10.67 33.68 16.80
CA SER B 91 10.20 32.37 16.37
C SER B 91 11.10 31.26 16.88
N LEU B 92 10.60 30.03 16.82
CA LEU B 92 11.30 28.80 17.19
C LEU B 92 12.47 28.52 16.23
N PHE B 93 12.38 28.97 14.98
CA PHE B 93 13.45 28.81 13.98
C PHE B 93 14.76 29.43 14.49
N ASP B 94 14.67 30.62 15.08
CA ASP B 94 15.78 31.40 15.64
C ASP B 94 16.36 30.82 16.94
N ARG B 95 15.68 29.87 17.57
CA ARG B 95 16.20 29.19 18.77
C ARG B 95 16.87 27.86 18.43
N ILE B 96 16.85 27.40 17.17
CA ILE B 96 17.49 26.14 16.79
C ILE B 96 18.87 26.42 16.22
N GLU B 97 19.91 26.14 16.98
CA GLU B 97 21.28 26.33 16.56
C GLU B 97 21.60 25.32 15.42
N PRO B 98 22.02 25.79 14.23
CA PRO B 98 22.27 24.85 13.13
C PRO B 98 23.34 23.81 13.44
N ASP B 99 23.04 22.57 13.02
CA ASP B 99 23.83 21.36 13.22
C ASP B 99 23.82 20.82 14.67
N ILE B 100 23.25 21.58 15.60
CA ILE B 100 23.23 21.20 17.01
C ILE B 100 21.79 20.90 17.49
N GLY B 101 20.90 21.89 17.37
CA GLY B 101 19.51 21.83 17.76
C GLY B 101 19.29 22.71 18.96
N MET B 102 18.87 22.09 20.05
CA MET B 102 18.70 22.78 21.32
C MET B 102 18.74 21.72 22.42
N PRO B 103 18.90 22.15 23.69
CA PRO B 103 18.82 21.17 24.80
C PRO B 103 17.50 20.39 24.75
N GLU B 104 17.58 19.06 24.92
CA GLU B 104 16.44 18.18 24.92
C GLU B 104 15.32 18.61 25.83
N PRO B 105 15.56 19.12 27.07
CA PRO B 105 14.44 19.60 27.89
C PRO B 105 13.69 20.79 27.25
N ASP B 106 14.37 21.62 26.47
CA ASP B 106 13.69 22.75 25.79
C ASP B 106 12.83 22.23 24.66
N ALA B 107 13.34 21.23 23.93
CA ALA B 107 12.64 20.63 22.83
C ALA B 107 11.40 19.92 23.28
N GLN B 108 11.43 19.25 24.43
CA GLN B 108 10.29 18.52 24.93
C GLN B 108 9.18 19.47 25.38
N ARG B 109 9.55 20.59 26.05
CA ARG B 109 8.57 21.56 26.50
C ARG B 109 7.83 22.15 25.28
N PHE B 110 8.60 22.68 24.27
CA PHE B 110 8.12 23.18 22.98
C PHE B 110 7.30 22.13 22.24
N PHE B 111 7.72 20.86 22.19
CA PHE B 111 6.90 19.80 21.57
C PHE B 111 5.56 19.54 22.36
N HIS B 112 5.54 19.65 23.72
CA HIS B 112 4.31 19.53 24.51
C HIS B 112 3.38 20.69 24.16
N GLN B 113 3.93 21.92 24.12
CA GLN B 113 3.11 23.10 23.81
C GLN B 113 2.63 23.08 22.36
N LEU B 114 3.41 22.47 21.46
CA LEU B 114 3.05 22.33 20.05
C LEU B 114 1.90 21.36 19.95
N MET B 115 1.95 20.22 20.66
CA MET B 115 0.87 19.23 20.68
C MET B 115 -0.38 19.82 21.29
N ALA B 116 -0.24 20.63 22.34
CA ALA B 116 -1.38 21.33 22.93
C ALA B 116 -2.04 22.30 21.93
N GLY B 117 -1.28 22.82 20.97
CA GLY B 117 -1.81 23.69 19.91
C GLY B 117 -2.44 22.93 18.77
N VAL B 118 -1.83 21.81 18.33
CA VAL B 118 -2.38 20.99 17.25
C VAL B 118 -3.68 20.28 17.70
N VAL B 119 -3.74 19.69 18.94
CA VAL B 119 -4.93 19.06 19.55
C VAL B 119 -6.11 20.05 19.49
N TYR B 120 -5.88 21.29 19.97
CA TYR B 120 -6.89 22.32 19.96
C TYR B 120 -7.45 22.57 18.55
N LEU B 121 -6.55 22.85 17.56
CA LEU B 121 -6.97 23.12 16.18
C LEU B 121 -7.73 21.96 15.62
N HIS B 122 -7.21 20.72 15.71
CA HIS B 122 -7.93 19.55 15.22
C HIS B 122 -9.30 19.38 15.88
N GLY B 123 -9.43 19.82 17.14
CA GLY B 123 -10.69 19.72 17.88
C GLY B 123 -11.72 20.68 17.31
N ILE B 124 -11.30 21.82 16.74
CA ILE B 124 -12.23 22.75 16.12
C ILE B 124 -12.33 22.57 14.58
N GLY B 125 -11.84 21.43 14.08
CA GLY B 125 -11.89 21.05 12.68
C GLY B 125 -11.03 21.91 11.79
N ILE B 126 -9.93 22.40 12.31
CA ILE B 126 -9.00 23.21 11.55
C ILE B 126 -7.70 22.51 11.43
N THR B 127 -7.11 22.59 10.24
CA THR B 127 -5.73 22.11 10.04
C THR B 127 -4.89 23.27 9.56
N HIS B 128 -3.72 23.52 10.20
CA HIS B 128 -2.80 24.60 9.81
C HIS B 128 -2.23 24.41 8.39
N ARG B 129 -1.79 23.19 8.06
CA ARG B 129 -1.27 22.80 6.78
C ARG B 129 0.14 23.29 6.46
N ASP B 130 0.83 23.99 7.39
CA ASP B 130 2.18 24.45 7.10
C ASP B 130 3.00 24.56 8.37
N ILE B 131 2.88 23.61 9.30
CA ILE B 131 3.67 23.60 10.55
C ILE B 131 5.15 23.40 10.28
N LYS B 132 5.93 24.39 10.72
CA LYS B 132 7.39 24.46 10.61
C LYS B 132 7.84 25.54 11.58
N PRO B 133 9.14 25.53 11.99
CA PRO B 133 9.62 26.49 13.01
C PRO B 133 9.40 27.95 12.71
N HIS B 134 9.23 28.32 11.44
CA HIS B 134 8.97 29.69 11.04
C HIS B 134 7.59 30.17 11.49
N ASN B 135 6.63 29.24 11.62
CA ASN B 135 5.24 29.49 12.04
C ASN B 135 5.00 29.16 13.53
N LEU B 136 6.05 28.95 14.30
CA LEU B 136 5.93 28.65 15.72
C LEU B 136 6.64 29.77 16.44
N LEU B 137 5.88 30.75 16.90
CA LEU B 137 6.41 31.92 17.57
C LEU B 137 6.43 31.74 19.11
N LEU B 138 7.18 32.58 19.81
CA LEU B 138 7.32 32.46 21.25
C LEU B 138 6.93 33.73 21.96
N ASP B 139 6.21 33.65 23.11
CA ASP B 139 5.88 34.86 23.86
C ASP B 139 7.07 35.26 24.80
N GLU B 140 6.91 36.29 25.66
CA GLU B 140 8.02 36.72 26.56
C GLU B 140 8.42 35.67 27.60
N ARG B 141 7.56 34.66 27.83
CA ARG B 141 7.81 33.56 28.76
C ARG B 141 8.21 32.25 28.04
N ASP B 142 8.44 32.31 26.71
CA ASP B 142 8.85 31.21 25.82
C ASP B 142 7.74 30.20 25.57
N ASN B 143 6.51 30.65 25.55
CA ASN B 143 5.39 29.80 25.22
C ASN B 143 5.20 29.85 23.72
N LEU B 144 5.07 28.69 23.12
CA LEU B 144 4.90 28.50 21.71
C LEU B 144 3.49 28.89 21.31
N LYS B 145 3.36 29.53 20.16
CA LYS B 145 2.09 29.92 19.58
C LYS B 145 2.15 29.55 18.11
N ILE B 146 1.09 28.92 17.59
CA ILE B 146 1.04 28.61 16.17
C ILE B 146 0.45 29.82 15.43
N ALA B 147 1.23 30.38 14.52
CA ALA B 147 0.88 31.58 13.73
C ALA B 147 0.71 31.29 12.22
N ASP B 148 0.08 32.23 11.46
CA ASP B 148 -0.15 32.27 10.00
C ASP B 148 -1.11 31.19 9.50
N TYR B 149 -2.36 31.61 9.30
CA TYR B 149 -3.45 30.74 8.88
C TYR B 149 -3.89 30.96 7.45
N SER B 150 -2.97 31.44 6.58
CA SER B 150 -3.24 31.64 5.17
C SER B 150 -3.45 30.33 4.41
N LEU B 151 -2.85 29.23 4.88
CA LEU B 151 -3.03 27.93 4.25
C LEU B 151 -4.01 27.05 5.02
N ALA B 152 -4.56 27.54 6.17
CA ALA B 152 -5.47 26.75 6.97
C ALA B 152 -6.80 26.55 6.27
N THR B 153 -7.44 25.43 6.58
CA THR B 153 -8.71 25.06 6.00
C THR B 153 -9.49 24.26 7.05
N VAL B 154 -10.77 23.95 6.76
CA VAL B 154 -11.63 23.15 7.60
C VAL B 154 -11.51 21.70 7.12
N PHE B 155 -11.34 20.76 8.03
CA PHE B 155 -11.37 19.32 7.66
C PHE B 155 -12.52 18.58 8.40
N ARG B 156 -13.28 19.31 9.26
CA ARG B 156 -14.39 18.72 9.97
C ARG B 156 -15.42 19.78 10.20
N TYR B 157 -16.64 19.49 9.78
CA TYR B 157 -17.75 20.41 9.97
C TYR B 157 -18.94 19.56 10.31
N ASN B 158 -19.70 19.92 11.36
CA ASN B 158 -20.88 19.12 11.75
C ASN B 158 -20.52 17.66 11.99
N ASN B 159 -19.34 17.45 12.60
CA ASN B 159 -18.82 16.13 12.94
C ASN B 159 -18.56 15.22 11.74
N ARG B 160 -18.38 15.82 10.57
CA ARG B 160 -18.12 15.11 9.35
C ARG B 160 -16.76 15.54 8.77
N GLU B 161 -15.93 14.56 8.37
CA GLU B 161 -14.61 14.80 7.85
C GLU B 161 -14.58 14.95 6.35
N ARG B 162 -13.89 16.00 5.90
CA ARG B 162 -13.63 16.27 4.52
C ARG B 162 -12.16 15.91 4.28
N LEU B 163 -11.89 15.14 3.23
CA LEU B 163 -10.52 14.84 2.85
C LEU B 163 -9.94 16.07 2.13
N LEU B 164 -8.62 16.23 2.21
CA LEU B 164 -7.95 17.33 1.54
C LEU B 164 -7.53 16.87 0.15
N ASN B 165 -7.36 17.82 -0.78
CA ASN B 165 -6.87 17.46 -2.12
C ASN B 165 -5.76 18.41 -2.58
N LYS B 166 -5.85 19.67 -2.16
CA LYS B 166 -4.89 20.67 -2.53
C LYS B 166 -3.58 20.41 -1.83
N MET B 167 -2.49 20.48 -2.58
CA MET B 167 -1.17 20.30 -2.05
C MET B 167 -0.62 21.64 -1.65
N CYS B 168 -0.05 21.72 -0.46
CA CYS B 168 0.55 22.96 0.01
C CYS B 168 1.49 22.67 1.19
N GLY B 169 2.11 23.70 1.73
CA GLY B 169 3.10 23.53 2.78
C GLY B 169 4.50 23.70 2.25
N THR B 170 5.49 23.11 3.00
CA THR B 170 6.90 23.23 2.69
C THR B 170 7.47 21.83 2.48
N LEU B 171 8.01 21.51 1.28
CA LEU B 171 8.45 20.15 0.95
C LEU B 171 9.20 19.39 2.09
N PRO B 172 10.22 19.96 2.78
CA PRO B 172 10.90 19.15 3.84
C PRO B 172 9.99 18.71 4.99
N TYR B 173 8.88 19.43 5.23
CA TYR B 173 7.91 19.17 6.28
C TYR B 173 6.63 18.41 5.84
N VAL B 174 6.26 18.46 4.55
CA VAL B 174 5.06 17.77 4.08
C VAL B 174 5.17 16.28 4.24
N ALA B 175 4.02 15.60 4.35
CA ALA B 175 3.94 14.16 4.52
C ALA B 175 4.02 13.45 3.19
N PRO B 176 4.50 12.20 3.15
CA PRO B 176 4.62 11.51 1.84
C PRO B 176 3.34 11.33 1.05
N GLU B 177 2.21 11.09 1.73
CA GLU B 177 0.91 10.90 1.07
C GLU B 177 0.39 12.20 0.43
N LEU B 178 0.87 13.36 0.86
CA LEU B 178 0.45 14.62 0.26
C LEU B 178 1.00 14.71 -1.22
N LEU B 179 2.10 14.01 -1.54
CA LEU B 179 2.64 14.00 -2.89
C LEU B 179 2.12 12.82 -3.73
N LYS B 180 1.68 11.72 -3.09
CA LYS B 180 1.30 10.51 -3.83
C LYS B 180 -0.20 10.31 -4.04
N ARG B 181 -1.05 10.86 -3.18
CA ARG B 181 -2.49 10.63 -3.22
C ARG B 181 -3.26 11.88 -3.51
N ARG B 182 -4.29 11.75 -4.36
CA ARG B 182 -5.15 12.87 -4.71
C ARG B 182 -5.95 13.38 -3.53
N GLU B 183 -6.37 12.46 -2.64
CA GLU B 183 -7.07 12.81 -1.41
C GLU B 183 -6.46 12.13 -0.21
N PHE B 184 -6.42 12.84 0.90
CA PHE B 184 -5.80 12.32 2.11
C PHE B 184 -6.37 13.02 3.36
N HIS B 185 -6.22 12.40 4.54
CA HIS B 185 -6.68 12.94 5.81
C HIS B 185 -5.75 14.05 6.35
N ALA B 186 -6.35 15.14 6.86
CA ALA B 186 -5.60 16.28 7.36
C ALA B 186 -4.71 16.02 8.60
N GLU B 187 -5.24 15.40 9.65
CA GLU B 187 -4.52 15.16 10.88
C GLU B 187 -3.17 14.40 10.73
N PRO B 188 -3.07 13.21 10.10
CA PRO B 188 -1.75 12.60 9.93
C PRO B 188 -0.73 13.47 9.14
N VAL B 189 -1.20 14.45 8.34
CA VAL B 189 -0.28 15.37 7.66
C VAL B 189 0.35 16.31 8.71
N ASP B 190 -0.45 16.79 9.67
CA ASP B 190 0.02 17.67 10.75
C ASP B 190 0.93 16.96 11.73
N VAL B 191 0.65 15.69 11.97
CA VAL B 191 1.47 14.86 12.87
C VAL B 191 2.86 14.63 12.25
N TRP B 192 2.90 14.42 10.94
CA TRP B 192 4.15 14.21 10.22
C TRP B 192 5.06 15.41 10.35
N SER B 193 4.53 16.62 10.04
CA SER B 193 5.29 17.88 10.09
C SER B 193 5.79 18.20 11.45
N CYS B 194 5.06 17.80 12.50
CA CYS B 194 5.42 17.96 13.92
C CYS B 194 6.68 17.13 14.26
N GLY B 195 6.80 15.94 13.64
CA GLY B 195 8.00 15.14 13.75
C GLY B 195 9.21 15.81 13.10
N ILE B 196 9.03 16.48 11.95
CA ILE B 196 10.12 17.15 11.28
C ILE B 196 10.57 18.34 12.17
N VAL B 197 9.63 19.03 12.84
CA VAL B 197 9.98 20.10 13.77
C VAL B 197 10.71 19.52 14.99
N LEU B 198 10.28 18.37 15.51
CA LEU B 198 11.00 17.70 16.62
C LEU B 198 12.41 17.32 16.20
N THR B 199 12.57 16.82 14.98
CA THR B 199 13.87 16.43 14.45
C THR B 199 14.76 17.66 14.28
N ALA B 200 14.18 18.75 13.80
CA ALA B 200 14.89 20.00 13.60
C ALA B 200 15.35 20.52 14.95
N MET B 201 14.53 20.39 16.03
CA MET B 201 14.89 20.86 17.37
C MET B 201 16.01 20.07 18.05
N LEU B 202 16.13 18.77 17.79
CA LEU B 202 17.11 17.91 18.43
C LEU B 202 18.39 17.70 17.63
N ALA B 203 18.41 18.10 16.36
CA ALA B 203 19.57 17.88 15.53
C ALA B 203 20.01 19.08 14.72
N GLY B 204 19.18 20.13 14.68
CA GLY B 204 19.47 21.37 13.96
C GLY B 204 19.71 21.12 12.49
N GLU B 205 18.99 20.14 11.93
CA GLU B 205 19.16 19.67 10.57
C GLU B 205 17.84 18.98 10.12
N LEU B 206 17.48 19.13 8.82
CA LEU B 206 16.29 18.53 8.23
C LEU B 206 16.64 17.18 7.57
N PRO B 207 15.83 16.15 7.81
CA PRO B 207 16.22 14.81 7.34
C PRO B 207 16.31 14.66 5.82
N TRP B 208 15.43 15.31 5.07
CA TRP B 208 15.35 15.19 3.62
C TRP B 208 14.78 16.47 3.00
N ASP B 209 15.02 16.63 1.70
CA ASP B 209 14.48 17.74 0.91
C ASP B 209 12.96 17.57 0.76
N GLN B 210 12.53 16.32 0.60
CA GLN B 210 11.15 15.96 0.39
C GLN B 210 11.01 14.46 0.66
N PRO B 211 9.83 14.04 1.18
CA PRO B 211 9.65 12.61 1.51
C PRO B 211 9.27 11.79 0.28
N SER B 212 10.24 11.56 -0.61
CA SER B 212 9.96 10.82 -1.84
C SER B 212 10.92 9.67 -2.09
N ASP B 213 10.50 8.70 -2.90
CA ASP B 213 11.35 7.55 -3.23
C ASP B 213 12.47 7.87 -4.24
N SER B 214 12.77 9.14 -4.44
CA SER B 214 13.87 9.65 -5.26
C SER B 214 14.92 10.34 -4.35
N CYS B 215 14.53 10.77 -3.14
CA CYS B 215 15.41 11.43 -2.19
C CYS B 215 16.15 10.36 -1.40
N GLN B 216 17.47 10.30 -1.57
CA GLN B 216 18.30 9.28 -0.93
C GLN B 216 18.15 9.25 0.58
N GLU B 217 18.12 10.41 1.22
CA GLU B 217 18.01 10.54 2.67
C GLU B 217 16.71 9.96 3.22
N TYR B 218 15.63 10.04 2.44
CA TYR B 218 14.37 9.48 2.85
C TYR B 218 14.41 7.95 2.68
N SER B 219 15.04 7.44 1.61
CA SER B 219 15.17 5.98 1.41
C SER B 219 16.01 5.38 2.54
N ASP B 220 17.03 6.11 3.03
CA ASP B 220 17.91 5.62 4.11
C ASP B 220 17.14 5.49 5.41
N TRP B 221 16.20 6.41 5.68
CA TRP B 221 15.35 6.40 6.86
C TRP B 221 14.43 5.18 6.81
N LYS B 222 13.86 4.88 5.63
CA LYS B 222 13.02 3.69 5.47
C LYS B 222 13.84 2.38 5.46
N GLU B 223 15.15 2.48 5.21
CA GLU B 223 16.08 1.34 5.30
C GLU B 223 16.70 1.23 6.73
N LYS B 224 16.17 2.02 7.70
CA LYS B 224 16.50 2.09 9.11
C LYS B 224 17.95 2.41 9.41
N LYS B 225 18.65 3.09 8.50
CA LYS B 225 20.04 3.46 8.72
C LYS B 225 20.13 4.66 9.66
N THR B 226 19.85 4.43 10.95
CA THR B 226 19.90 5.51 11.95
C THR B 226 21.31 5.81 12.46
N TYR B 227 22.34 5.18 11.87
CA TYR B 227 23.72 5.53 12.16
C TYR B 227 24.13 6.82 11.42
N LEU B 228 23.28 7.36 10.50
CA LEU B 228 23.52 8.57 9.72
C LEU B 228 22.84 9.82 10.33
N ASN B 229 23.31 11.01 9.96
CA ASN B 229 22.73 12.26 10.45
C ASN B 229 21.36 12.50 9.78
N PRO B 230 20.43 13.15 10.48
CA PRO B 230 20.53 13.71 11.84
C PRO B 230 20.22 12.73 12.96
N TRP B 231 19.78 11.50 12.62
CA TRP B 231 19.36 10.46 13.56
C TRP B 231 20.45 10.10 14.57
N LYS B 232 21.75 10.14 14.17
CA LYS B 232 22.81 9.78 15.11
C LYS B 232 23.01 10.83 16.19
N LYS B 233 22.55 12.08 15.99
CA LYS B 233 22.60 13.09 17.04
C LYS B 233 21.38 12.97 17.99
N ILE B 234 20.43 12.03 17.74
CA ILE B 234 19.21 11.97 18.54
C ILE B 234 19.23 10.81 19.51
N ASP B 235 18.96 11.09 20.78
CA ASP B 235 18.88 10.05 21.82
C ASP B 235 17.85 8.95 21.44
N SER B 236 18.05 7.72 21.90
CA SER B 236 17.19 6.59 21.55
C SER B 236 15.73 6.76 21.92
N ALA B 237 15.45 7.50 23.00
CA ALA B 237 14.07 7.71 23.42
C ALA B 237 13.33 8.67 22.45
N PRO B 238 13.76 9.94 22.20
CA PRO B 238 13.04 10.77 21.20
C PRO B 238 13.05 10.15 19.80
N LEU B 239 14.10 9.40 19.46
CA LEU B 239 14.21 8.71 18.18
C LEU B 239 13.17 7.63 18.05
N ALA B 240 12.81 6.93 19.13
CA ALA B 240 11.81 5.87 19.11
C ALA B 240 10.43 6.48 18.78
N LEU B 241 10.15 7.72 19.29
CA LEU B 241 8.96 8.50 19.00
C LEU B 241 8.98 8.92 17.54
N LEU B 242 10.15 9.34 17.04
CA LEU B 242 10.27 9.72 15.64
C LEU B 242 10.02 8.53 14.73
N HIS B 243 10.42 7.30 15.13
CA HIS B 243 10.11 6.12 14.31
C HIS B 243 8.59 5.89 14.24
N LYS B 244 7.79 6.37 15.22
CA LYS B 244 6.34 6.18 15.19
C LYS B 244 5.65 7.28 14.38
N ILE B 245 6.15 8.54 14.48
CA ILE B 245 5.63 9.69 13.73
C ILE B 245 5.96 9.61 12.23
N LEU B 246 7.19 9.24 11.90
CA LEU B 246 7.60 9.24 10.49
C LEU B 246 7.41 7.91 9.82
N VAL B 247 6.17 7.42 9.88
CA VAL B 247 5.73 6.18 9.22
C VAL B 247 5.10 6.64 7.90
N GLU B 248 5.54 6.11 6.74
CA GLU B 248 5.05 6.48 5.42
C GLU B 248 3.50 6.33 5.22
N ASN B 249 2.94 5.16 5.55
CA ASN B 249 1.50 4.88 5.45
C ASN B 249 0.81 5.76 6.47
N PRO B 250 -0.06 6.71 6.04
CA PRO B 250 -0.70 7.62 7.01
C PRO B 250 -1.64 6.96 7.99
N SER B 251 -2.14 5.75 7.66
CA SER B 251 -3.04 5.04 8.56
C SER B 251 -2.31 4.17 9.60
N ALA B 252 -0.97 4.00 9.49
CA ALA B 252 -0.16 3.29 10.50
C ALA B 252 0.64 4.28 11.39
N ARG B 253 0.64 5.57 11.02
CA ARG B 253 1.29 6.65 11.73
C ARG B 253 0.63 6.81 13.11
N ILE B 254 1.44 7.14 14.13
CA ILE B 254 0.92 7.34 15.47
C ILE B 254 0.00 8.58 15.48
N THR B 255 -1.08 8.58 16.33
CA THR B 255 -1.99 9.72 16.43
C THR B 255 -1.55 10.60 17.64
N ILE B 256 -2.07 11.82 17.78
CA ILE B 256 -1.77 12.65 18.94
C ILE B 256 -2.17 11.97 20.27
N PRO B 257 -3.37 11.34 20.45
CA PRO B 257 -3.63 10.66 21.74
C PRO B 257 -2.55 9.66 22.12
N ASP B 258 -1.98 8.96 21.13
CA ASP B 258 -0.94 7.95 21.35
C ASP B 258 0.47 8.55 21.48
N ILE B 259 0.69 9.76 20.93
CA ILE B 259 1.97 10.47 21.16
C ILE B 259 2.00 10.85 22.66
N LYS B 260 0.85 11.23 23.24
CA LYS B 260 0.72 11.57 24.66
C LYS B 260 1.06 10.42 25.60
N LYS B 261 1.10 9.17 25.10
CA LYS B 261 1.42 7.97 25.88
C LYS B 261 2.84 7.49 25.68
N ASP B 262 3.63 8.18 24.86
CA ASP B 262 4.99 7.83 24.51
C ASP B 262 5.95 8.03 25.67
N ARG B 263 6.90 7.12 25.78
CA ARG B 263 7.96 7.15 26.80
C ARG B 263 8.72 8.49 26.87
N TRP B 264 9.29 8.99 25.73
CA TRP B 264 10.03 10.24 25.77
C TRP B 264 9.10 11.42 26.03
N TYR B 265 7.88 11.43 25.44
CA TYR B 265 6.90 12.50 25.65
C TYR B 265 6.64 12.76 27.16
N ASN B 266 6.64 11.67 27.94
CA ASN B 266 6.40 11.64 29.38
C ASN B 266 7.68 11.54 30.24
N LYS B 267 8.85 11.69 29.65
CA LYS B 267 10.12 11.62 30.36
C LYS B 267 10.40 12.88 31.13
N PRO B 268 10.58 12.80 32.46
CA PRO B 268 10.95 14.01 33.20
C PRO B 268 12.36 14.44 32.78
N LEU B 269 12.48 15.74 32.35
CA LEU B 269 13.74 16.35 31.86
C LEU B 269 13.99 17.75 32.51
N LYS B 270 15.27 18.12 32.62
CA LYS B 270 15.73 19.39 33.23
C LYS B 270 17.21 19.53 32.84
N LYS B 271 17.69 20.78 32.63
CA LYS B 271 19.10 21.12 32.27
C LYS B 271 19.53 20.62 30.85
CL01 BYL C . -5.46 -12.46 -13.77
C02 BYL C . -4.06 -11.95 -12.86
C03 BYL C . -4.22 -11.40 -11.58
C04 BYL C . -3.06 -11.03 -10.80
C05 BYL C . -3.16 -10.49 -9.47
N06 BYL C . -2.05 -10.14 -8.78
C07 BYL C . -0.82 -10.28 -9.32
N08 BYL C . 0.31 -9.89 -8.52
C09 BYL C . 1.68 -9.79 -8.97
C10 BYL C . 2.64 -9.03 -8.35
C11 BYL C . 2.42 -8.17 -7.10
N12 BYL C . 3.81 -9.22 -9.01
C13 BYL C . 5.07 -8.57 -8.72
C14 BYL C . 5.96 -9.14 -7.61
F15 BYL C . 5.51 -10.20 -6.93
F16 BYL C . 6.73 -8.23 -6.98
C17 BYL C . 6.31 -9.38 -9.08
N18 BYL C . 3.61 -10.07 -10.07
C19 BYL C . 2.29 -10.45 -10.05
N20 BYL C . -0.68 -10.80 -10.58
C21 BYL C . -1.80 -11.18 -11.34
C22 BYL C . -1.64 -11.72 -12.67
C23 BYL C . -2.77 -12.11 -13.41
C24 BYL C . -2.62 -12.71 -14.84
C25 BYL C . -2.43 -14.10 -14.63
C26 BYL C . -2.23 -14.89 -15.94
N27 BYL C . -1.26 -14.29 -16.81
C28 BYL C . -0.90 -15.02 -17.93
C29 BYL C . -2.04 -14.99 -18.98
C30 BYL C . -0.58 -16.60 -17.62
O31 BYL C . 0.65 -16.98 -18.50
C32 BYL C . 0.79 -15.95 -19.38
C33 BYL C . 0.26 -14.63 -18.51
O34 BYL C . 1.34 -14.33 -17.61
C35 BYL C . -1.35 -12.87 -16.97
C36 BYL C . -1.65 -12.09 -15.67
CL01 BYL D . 1.29 35.65 11.20
C02 BYL D . 2.63 36.28 12.15
C03 BYL D . 2.35 36.81 13.43
C04 BYL D . 3.44 37.31 14.24
C05 BYL D . 3.27 37.82 15.56
N06 BYL D . 4.33 38.25 16.28
C07 BYL D . 5.59 38.23 15.76
N08 BYL D . 6.67 38.67 16.59
C09 BYL D . 8.05 38.65 16.19
C10 BYL D . 9.05 39.42 16.76
C11 BYL D . 8.81 40.41 17.91
N12 BYL D . 10.21 39.13 16.14
C13 BYL D . 11.49 39.77 16.35
C14 BYL D . 12.37 39.33 17.51
F15 BYL D . 11.88 38.40 18.34
F16 BYL D . 13.18 40.27 18.03
C17 BYL D . 12.69 38.89 16.09
N18 BYL D . 9.97 38.21 15.14
C19 BYL D . 8.65 37.89 15.18
N20 BYL D . 5.80 37.75 14.52
C21 BYL D . 4.73 37.30 13.74
C22 BYL D . 4.99 36.73 12.44
C23 BYL D . 3.94 36.23 11.66
C24 BYL D . 4.29 35.64 10.27
C25 BYL D . 4.55 34.26 10.54
C26 BYL D . 4.91 33.47 9.27
N27 BYL D . 5.87 34.11 8.43
C28 BYL D . 6.34 33.41 7.33
C29 BYL D . 5.31 33.43 6.17
C30 BYL D . 6.64 31.83 7.63
O31 BYL D . 7.97 31.50 6.91
C32 BYL D . 8.20 32.54 6.05
C33 BYL D . 7.53 33.82 6.84
O34 BYL D . 8.52 34.17 7.81
C35 BYL D . 5.75 35.53 8.27
C36 BYL D . 5.32 36.31 9.53
#